data_9OR2
#
_entry.id   9OR2
#
_cell.length_a   108.356
_cell.length_b   108.356
_cell.length_c   54.733
_cell.angle_alpha   90.000
_cell.angle_beta   90.000
_cell.angle_gamma   120.000
#
_symmetry.space_group_name_H-M   'P 3 2 1'
#
loop_
_entity.id
_entity.type
_entity.pdbx_description
1 polymer 'Antarctic Rhodopsin'
2 non-polymer RETINAL
3 non-polymer 1,2-Distearoyl-sn-glycerophosphoethanolamine
4 non-polymer DODECANE
5 water water
#
_entity_poly.entity_id   1
_entity_poly.type   'polypeptide(L)'
_entity_poly.pdbx_seq_one_letter_code
;MDNQIEIVFAAGIALFSVAAAYFFWAYKKDFNSAFLVSFITIISYILMLEGSLVSAGARGGEVYATRWLFYGLSCSLLMY
EIARFLRKSQSEIVFLMFLTVIVMGTGGAAAYFEGWYKIGFFVLSSVAYVLLVYPLLTSVSPNRSAVAKYILLGWTGFPI
AFLLAPDGFGIITTTTAAILYLLLDIFTKVIFYFDLHRKMEVNAQKVLAVSGSVGLEHHHHHH
;
_entity_poly.pdbx_strand_id   AA1
#
loop_
_chem_comp.id
_chem_comp.type
_chem_comp.name
_chem_comp.formula
3PE non-polymer 1,2-Distearoyl-sn-glycerophosphoethanolamine 'C41 H82 N O8 P'
D12 non-polymer DODECANE 'C12 H26'
RET non-polymer RETINAL 'C20 H28 O'
#
# COMPACT_ATOMS: atom_id res chain seq x y z
N ASN A 3 -5.17 18.17 -16.23
CA ASN A 3 -6.37 17.74 -16.94
C ASN A 3 -6.49 16.20 -16.92
N GLN A 4 -5.50 15.58 -17.56
CA GLN A 4 -5.46 14.14 -17.61
C GLN A 4 -5.37 13.54 -16.20
N ILE A 5 -4.55 14.12 -15.32
CA ILE A 5 -4.34 13.52 -14.01
C ILE A 5 -5.58 13.70 -13.14
N GLU A 6 -6.34 14.78 -13.33
CA GLU A 6 -7.63 14.87 -12.63
C GLU A 6 -8.51 13.66 -12.94
N ILE A 7 -8.49 13.21 -14.19
CA ILE A 7 -9.32 12.06 -14.56
C ILE A 7 -8.84 10.79 -13.85
N VAL A 8 -7.53 10.63 -13.72
CA VAL A 8 -6.99 9.49 -12.98
C VAL A 8 -7.43 9.54 -11.54
N PHE A 9 -7.28 10.69 -10.88
CA PHE A 9 -7.67 10.77 -9.47
C PHE A 9 -9.17 10.57 -9.32
N ALA A 10 -9.96 11.13 -10.24
CA ALA A 10 -11.40 10.88 -10.19
C ALA A 10 -11.71 9.38 -10.33
N ALA A 11 -11.01 8.69 -11.24
CA ALA A 11 -11.24 7.26 -11.34
C ALA A 11 -10.91 6.58 -10.01
N GLY A 12 -9.83 7.01 -9.35
CA GLY A 12 -9.51 6.42 -8.05
C GLY A 12 -10.61 6.64 -7.02
N ILE A 13 -11.09 7.89 -6.91
CA ILE A 13 -12.23 8.16 -6.02
C ILE A 13 -13.40 7.22 -6.31
N ALA A 14 -13.79 7.13 -7.60
CA ALA A 14 -14.95 6.33 -7.97
C ALA A 14 -14.74 4.86 -7.65
N LEU A 15 -13.62 4.30 -8.09
CA LEU A 15 -13.37 2.87 -7.90
C LEU A 15 -13.32 2.51 -6.42
N PHE A 16 -12.62 3.32 -5.60
CA PHE A 16 -12.50 2.92 -4.19
C PHE A 16 -13.80 3.14 -3.42
N SER A 17 -14.63 4.08 -3.87
CA SER A 17 -15.99 4.21 -3.31
C SER A 17 -16.82 2.96 -3.59
N VAL A 18 -16.68 2.40 -4.81
CA VAL A 18 -17.45 1.22 -5.14
C VAL A 18 -16.89 0.03 -4.37
N ALA A 19 -15.56 -0.06 -4.27
CA ALA A 19 -14.95 -1.14 -3.54
C ALA A 19 -15.33 -1.10 -2.07
N ALA A 20 -15.34 0.11 -1.48
CA ALA A 20 -15.67 0.21 -0.06
C ALA A 20 -17.11 -0.24 0.18
N ALA A 21 -18.03 0.30 -0.63
CA ALA A 21 -19.44 -0.09 -0.52
C ALA A 21 -19.61 -1.59 -0.70
N TYR A 22 -18.97 -2.15 -1.74
CA TYR A 22 -19.05 -3.61 -1.91
C TYR A 22 -18.47 -4.36 -0.70
N PHE A 23 -17.31 -3.93 -0.20
CA PHE A 23 -16.67 -4.71 0.84
C PHE A 23 -17.51 -4.66 2.12
N PHE A 24 -18.04 -3.48 2.43
CA PHE A 24 -18.87 -3.36 3.63
C PHE A 24 -20.09 -4.27 3.54
N TRP A 25 -20.74 -4.28 2.36
CA TRP A 25 -21.94 -5.10 2.19
C TRP A 25 -21.59 -6.58 2.20
N ALA A 26 -20.52 -6.97 1.50
CA ALA A 26 -20.25 -8.39 1.27
C ALA A 26 -19.78 -9.10 2.53
N TYR A 27 -18.95 -8.44 3.31
CA TYR A 27 -18.30 -9.10 4.45
C TYR A 27 -19.15 -8.97 5.72
N LYS A 28 -18.73 -9.62 6.79
CA LYS A 28 -19.44 -9.59 8.10
C LYS A 28 -19.49 -8.15 8.64
N LYS A 29 -20.55 -7.77 9.35
CA LYS A 29 -20.65 -6.40 9.90
C LYS A 29 -19.88 -6.26 11.23
N ASP A 30 -18.56 -6.46 11.16
CA ASP A 30 -17.58 -6.45 12.27
C ASP A 30 -16.30 -5.76 11.74
N PHE A 31 -15.12 -5.98 12.33
CA PHE A 31 -13.87 -5.41 11.80
C PHE A 31 -13.65 -5.85 10.35
N ASN A 32 -13.79 -4.90 9.44
CA ASN A 32 -13.67 -5.12 7.99
C ASN A 32 -12.48 -4.30 7.50
N SER A 33 -11.30 -4.91 7.47
CA SER A 33 -10.09 -4.23 7.00
C SER A 33 -10.21 -3.85 5.52
N ALA A 34 -10.89 -4.66 4.72
CA ALA A 34 -11.07 -4.36 3.29
C ALA A 34 -11.84 -3.05 3.09
N PHE A 35 -12.92 -2.87 3.84
CA PHE A 35 -13.65 -1.63 3.85
C PHE A 35 -12.77 -0.45 4.25
N LEU A 36 -12.05 -0.57 5.37
CA LEU A 36 -11.28 0.55 5.89
C LEU A 36 -10.17 0.94 4.91
N VAL A 37 -9.48 -0.06 4.36
CA VAL A 37 -8.41 0.19 3.40
C VAL A 37 -8.93 1.02 2.23
N SER A 38 -10.08 0.61 1.67
CA SER A 38 -10.65 1.36 0.55
C SER A 38 -11.16 2.73 0.98
N PHE A 39 -11.84 2.83 2.13
CA PHE A 39 -12.35 4.13 2.57
C PHE A 39 -11.22 5.13 2.76
N ILE A 40 -10.14 4.70 3.41
CA ILE A 40 -8.99 5.56 3.60
C ILE A 40 -8.42 6.00 2.24
N THR A 41 -8.39 5.08 1.25
CA THR A 41 -7.83 5.42 -0.06
C THR A 41 -8.72 6.44 -0.77
N ILE A 42 -10.05 6.36 -0.59
CA ILE A 42 -10.93 7.40 -1.09
C ILE A 42 -10.46 8.75 -0.58
N ILE A 43 -10.24 8.85 0.73
CA ILE A 43 -9.86 10.14 1.30
C ILE A 43 -8.58 10.60 0.64
N SER A 44 -7.64 9.69 0.48
CA SER A 44 -6.36 10.06 -0.08
C SER A 44 -6.52 10.61 -1.51
N TYR A 45 -7.38 9.98 -2.35
CA TYR A 45 -7.57 10.42 -3.75
C TYR A 45 -8.28 11.76 -3.82
N ILE A 46 -9.26 11.99 -2.94
CA ILE A 46 -9.87 13.32 -2.88
C ILE A 46 -8.83 14.38 -2.55
N LEU A 47 -7.92 14.08 -1.59
CA LEU A 47 -6.93 15.09 -1.21
C LEU A 47 -5.98 15.38 -2.37
N MET A 48 -5.60 14.35 -3.12
CA MET A 48 -4.73 14.57 -4.26
C MET A 48 -5.47 15.33 -5.36
N LEU A 49 -6.75 15.03 -5.60
CA LEU A 49 -7.53 15.79 -6.58
C LEU A 49 -7.61 17.25 -6.15
N GLU A 50 -7.80 17.49 -4.85
CA GLU A 50 -7.89 18.85 -4.36
C GLU A 50 -6.59 19.59 -4.57
N GLY A 51 -5.47 18.89 -4.64
CA GLY A 51 -4.16 19.53 -4.76
C GLY A 51 -3.58 19.99 -3.42
N SER A 52 -3.82 19.24 -2.33
CA SER A 52 -3.61 19.83 -1.01
C SER A 52 -2.13 20.02 -0.68
N LEU A 53 -1.25 19.12 -1.08
CA LEU A 53 0.18 19.34 -0.89
C LEU A 53 0.88 18.82 -2.15
N VAL A 54 0.95 19.64 -3.16
CA VAL A 54 1.63 19.27 -4.39
C VAL A 54 2.93 19.99 -4.42
N SER A 55 4.02 19.27 -4.69
CA SER A 55 5.34 19.86 -4.69
C SER A 55 6.02 19.48 -6.00
N ALA A 56 7.11 20.18 -6.33
CA ALA A 56 7.81 19.98 -7.59
C ALA A 56 8.67 18.73 -7.52
N GLY A 57 8.53 17.87 -8.52
CA GLY A 57 9.34 16.68 -8.61
C GLY A 57 10.47 16.84 -9.60
N ALA A 58 10.94 15.70 -10.10
CA ALA A 58 12.08 15.70 -11.00
C ALA A 58 11.62 16.03 -12.41
N ARG A 59 12.53 16.61 -13.20
CA ARG A 59 12.29 16.79 -14.63
C ARG A 59 10.96 17.49 -14.88
N GLY A 60 10.54 18.30 -13.93
CA GLY A 60 9.37 19.13 -14.12
C GLY A 60 8.05 18.47 -13.83
N GLY A 61 8.04 17.30 -13.18
CA GLY A 61 6.80 16.69 -12.74
C GLY A 61 6.32 17.20 -11.38
N GLU A 62 5.27 16.56 -10.87
CA GLU A 62 4.71 16.87 -9.56
C GLU A 62 4.76 15.64 -8.67
N VAL A 63 4.79 15.92 -7.38
CA VAL A 63 4.83 14.94 -6.33
C VAL A 63 3.63 15.22 -5.41
N TYR A 64 2.92 14.14 -5.07
CA TYR A 64 1.73 14.17 -4.22
C TYR A 64 2.09 13.36 -2.98
N ALA A 65 2.85 13.97 -2.09
CA ALA A 65 3.42 13.17 -1.01
C ALA A 65 2.37 12.71 -0.01
N THR A 66 1.13 13.27 0.01
CA THR A 66 0.15 12.71 0.92
C THR A 66 -0.23 11.28 0.54
N ARG A 67 -0.03 10.88 -0.72
CA ARG A 67 -0.28 9.49 -1.09
C ARG A 67 0.46 8.57 -0.12
N TRP A 68 1.78 8.78 -0.01
CA TRP A 68 2.61 7.95 0.84
C TRP A 68 2.20 8.03 2.30
N LEU A 69 1.82 9.22 2.78
CA LEU A 69 1.46 9.32 4.20
C LEU A 69 0.22 8.50 4.51
N PHE A 70 -0.80 8.54 3.64
CA PHE A 70 -1.98 7.73 3.88
C PHE A 70 -1.73 6.23 3.74
N TYR A 71 -0.74 5.83 2.92
CA TYR A 71 -0.38 4.42 2.87
C TYR A 71 0.09 3.95 4.25
N GLY A 72 0.70 4.83 5.06
CA GLY A 72 1.11 4.40 6.38
C GLY A 72 -0.07 3.88 7.19
N LEU A 73 -1.26 4.41 6.92
CA LEU A 73 -2.45 3.89 7.58
C LEU A 73 -3.07 2.69 6.83
N SER A 74 -3.33 2.81 5.53
CA SER A 74 -4.03 1.71 4.89
C SER A 74 -3.12 0.49 4.76
N CYS A 75 -1.83 0.69 4.53
CA CYS A 75 -1.01 -0.50 4.37
C CYS A 75 -0.70 -1.24 5.67
N SER A 76 -0.78 -0.54 6.81
CA SER A 76 -0.70 -1.23 8.09
C SER A 76 -1.85 -2.21 8.25
N LEU A 77 -3.06 -1.84 7.81
CA LEU A 77 -4.17 -2.79 7.84
C LEU A 77 -3.89 -3.97 6.91
N LEU A 78 -3.44 -3.69 5.68
CA LEU A 78 -3.05 -4.79 4.80
C LEU A 78 -1.99 -5.66 5.46
N MET A 79 -0.99 -5.05 6.10
CA MET A 79 0.10 -5.86 6.67
C MET A 79 -0.41 -6.71 7.81
N TYR A 80 -1.32 -6.16 8.62
CA TYR A 80 -1.99 -6.97 9.62
C TYR A 80 -2.61 -8.22 8.98
N GLU A 81 -3.36 -8.06 7.88
CA GLU A 81 -3.94 -9.22 7.22
C GLU A 81 -2.86 -10.19 6.72
N ILE A 82 -1.84 -9.67 6.06
CA ILE A 82 -0.83 -10.55 5.49
C ILE A 82 -0.11 -11.34 6.59
N ALA A 83 0.38 -10.64 7.62
CA ALA A 83 1.14 -11.28 8.67
C ALA A 83 0.29 -12.29 9.44
N ARG A 84 -0.96 -11.93 9.72
CA ARG A 84 -1.87 -12.89 10.34
C ARG A 84 -2.03 -14.11 9.44
N PHE A 85 -2.20 -13.89 8.13
CA PHE A 85 -2.39 -14.98 7.18
C PHE A 85 -1.21 -15.96 7.24
N LEU A 86 0.00 -15.45 7.44
CA LEU A 86 1.16 -16.32 7.55
C LEU A 86 1.41 -16.77 8.97
N ARG A 87 0.45 -16.56 9.89
CA ARG A 87 0.57 -17.02 11.28
C ARG A 87 1.85 -16.55 11.97
N LYS A 88 2.24 -15.30 11.71
CA LYS A 88 3.30 -14.70 12.50
C LYS A 88 2.81 -14.46 13.93
N SER A 89 3.72 -14.49 14.89
CA SER A 89 3.36 -14.19 16.27
C SER A 89 2.84 -12.75 16.41
N GLN A 90 2.16 -12.50 17.53
CA GLN A 90 1.53 -11.20 17.74
C GLN A 90 2.58 -10.10 17.77
N SER A 91 3.72 -10.36 18.39
CA SER A 91 4.74 -9.32 18.47
C SER A 91 5.47 -9.13 17.12
N GLU A 92 5.57 -10.16 16.29
CA GLU A 92 6.12 -9.98 14.96
C GLU A 92 5.13 -9.23 14.05
N ILE A 93 3.84 -9.46 14.24
CA ILE A 93 2.81 -8.70 13.52
C ILE A 93 2.96 -7.22 13.82
N VAL A 94 3.07 -6.87 15.10
CA VAL A 94 3.24 -5.47 15.48
C VAL A 94 4.53 -4.88 14.87
N PHE A 95 5.64 -5.64 14.95
CA PHE A 95 6.89 -5.19 14.35
C PHE A 95 6.70 -4.87 12.88
N LEU A 96 6.07 -5.79 12.15
CA LEU A 96 5.93 -5.64 10.71
C LEU A 96 5.05 -4.43 10.39
N MET A 97 4.04 -4.21 11.22
CA MET A 97 3.22 -3.04 11.06
C MET A 97 3.99 -1.77 11.31
N PHE A 98 4.85 -1.74 12.34
CA PHE A 98 5.73 -0.59 12.53
C PHE A 98 6.64 -0.35 11.33
N LEU A 99 7.32 -1.41 10.85
CA LEU A 99 8.12 -1.28 9.64
C LEU A 99 7.29 -0.67 8.51
N THR A 100 6.03 -1.10 8.39
CA THR A 100 5.24 -0.63 7.26
C THR A 100 5.03 0.87 7.33
N VAL A 101 4.65 1.35 8.52
CA VAL A 101 4.48 2.79 8.75
C VAL A 101 5.77 3.54 8.45
N ILE A 102 6.91 2.99 8.88
CA ILE A 102 8.19 3.64 8.62
C ILE A 102 8.47 3.71 7.13
N VAL A 103 8.24 2.59 6.41
CA VAL A 103 8.48 2.60 4.97
C VAL A 103 7.68 3.72 4.32
N MET A 104 6.39 3.80 4.65
CA MET A 104 5.55 4.82 4.01
C MET A 104 5.94 6.22 4.45
N GLY A 105 6.24 6.41 5.75
CA GLY A 105 6.56 7.75 6.19
C GLY A 105 7.85 8.26 5.59
N THR A 106 8.88 7.42 5.58
CA THR A 106 10.13 7.86 4.96
C THR A 106 10.02 7.95 3.45
N GLY A 107 9.10 7.18 2.83
CA GLY A 107 8.89 7.31 1.37
C GLY A 107 8.25 8.65 1.04
N GLY A 108 7.33 9.11 1.89
CA GLY A 108 6.74 10.43 1.69
C GLY A 108 7.74 11.56 1.81
N ALA A 109 8.63 11.47 2.83
CA ALA A 109 9.78 12.37 2.96
C ALA A 109 10.71 12.31 1.75
N ALA A 110 11.06 11.10 1.30
CA ALA A 110 11.94 10.96 0.13
C ALA A 110 11.31 11.61 -1.11
N ALA A 111 10.01 11.38 -1.32
CA ALA A 111 9.30 11.99 -2.44
C ALA A 111 9.35 13.52 -2.35
N TYR A 112 9.09 14.08 -1.15
CA TYR A 112 8.92 15.53 -0.99
C TYR A 112 10.25 16.31 -1.06
N PHE A 113 11.24 15.81 -0.34
CA PHE A 113 12.57 16.43 -0.19
C PHE A 113 13.44 16.21 -1.43
N GLU A 114 14.59 16.87 -1.43
CA GLU A 114 15.46 16.86 -2.63
C GLU A 114 16.91 16.50 -2.35
N GLY A 115 17.63 16.28 -3.43
CA GLY A 115 19.07 16.11 -3.36
C GLY A 115 19.43 14.96 -2.46
N TRP A 116 20.33 15.21 -1.51
CA TRP A 116 20.79 14.14 -0.65
C TRP A 116 19.72 13.70 0.35
N TYR A 117 18.74 14.55 0.62
CA TYR A 117 17.68 14.18 1.53
C TYR A 117 16.78 13.12 0.90
N LYS A 118 16.40 13.34 -0.36
CA LYS A 118 15.67 12.32 -1.11
C LYS A 118 16.43 10.99 -1.10
N ILE A 119 17.73 11.02 -1.42
CA ILE A 119 18.53 9.80 -1.42
C ILE A 119 18.55 9.17 -0.04
N GLY A 120 18.85 9.97 0.98
CA GLY A 120 18.91 9.44 2.34
C GLY A 120 17.59 8.84 2.77
N PHE A 121 16.48 9.55 2.54
CA PHE A 121 15.21 8.96 2.96
C PHE A 121 14.85 7.73 2.12
N PHE A 122 15.19 7.71 0.83
CA PHE A 122 14.89 6.52 0.03
C PHE A 122 15.67 5.31 0.53
N VAL A 123 16.91 5.52 0.93
CA VAL A 123 17.71 4.45 1.48
C VAL A 123 17.09 3.93 2.77
N LEU A 124 16.71 4.84 3.69
CA LEU A 124 16.11 4.35 4.93
C LEU A 124 14.81 3.57 4.66
N SER A 125 13.95 4.10 3.76
CA SER A 125 12.72 3.41 3.36
C SER A 125 13.00 2.01 2.80
N SER A 126 14.01 1.92 1.91
CA SER A 126 14.38 0.63 1.32
C SER A 126 14.91 -0.34 2.38
N VAL A 127 15.71 0.15 3.35
CA VAL A 127 16.20 -0.74 4.40
C VAL A 127 15.03 -1.31 5.20
N ALA A 128 14.12 -0.44 5.66
CA ALA A 128 12.98 -0.95 6.39
C ALA A 128 12.16 -1.88 5.50
N TYR A 129 12.13 -1.63 4.20
CA TYR A 129 11.29 -2.46 3.33
C TYR A 129 11.89 -3.87 3.17
N VAL A 130 13.22 -3.96 3.04
CA VAL A 130 13.86 -5.27 3.04
C VAL A 130 13.56 -5.99 4.35
N LEU A 131 13.63 -5.27 5.47
CA LEU A 131 13.34 -5.92 6.75
C LEU A 131 11.89 -6.35 6.83
N LEU A 132 11.00 -5.65 6.15
CA LEU A 132 9.59 -5.97 6.17
C LEU A 132 9.29 -7.25 5.37
N VAL A 133 9.83 -7.36 4.15
CA VAL A 133 9.36 -8.42 3.26
C VAL A 133 10.16 -9.71 3.43
N TYR A 134 11.40 -9.62 3.91
CA TYR A 134 12.20 -10.84 4.12
C TYR A 134 11.48 -11.88 4.96
N PRO A 135 10.87 -11.57 6.11
CA PRO A 135 10.12 -12.60 6.85
C PRO A 135 8.84 -13.01 6.11
N LEU A 136 8.34 -12.18 5.21
CA LEU A 136 7.16 -12.63 4.46
C LEU A 136 7.57 -13.61 3.36
N LEU A 137 8.60 -13.26 2.58
CA LEU A 137 9.03 -14.03 1.43
C LEU A 137 9.69 -15.35 1.83
N THR A 138 10.26 -15.44 3.04
CA THR A 138 10.88 -16.66 3.51
C THR A 138 9.97 -17.44 4.47
N SER A 139 8.71 -17.03 4.62
CA SER A 139 7.82 -17.73 5.53
C SER A 139 7.70 -19.21 5.13
N VAL A 140 7.63 -20.10 6.13
CA VAL A 140 7.33 -21.51 5.84
C VAL A 140 5.84 -21.78 5.80
N SER A 141 5.01 -20.77 6.02
CA SER A 141 3.57 -20.99 5.94
C SER A 141 3.19 -21.56 4.57
N PRO A 142 2.27 -22.55 4.52
CA PRO A 142 1.66 -22.93 3.25
C PRO A 142 0.99 -21.76 2.55
N ASN A 143 0.71 -20.66 3.27
CA ASN A 143 0.04 -19.51 2.68
C ASN A 143 1.01 -18.55 1.97
N ARG A 144 2.33 -18.79 2.06
CA ARG A 144 3.32 -17.87 1.52
C ARG A 144 3.15 -17.61 0.01
N SER A 145 2.83 -18.63 -0.79
CA SER A 145 2.78 -18.39 -2.24
C SER A 145 1.56 -17.55 -2.63
N ALA A 146 0.40 -17.78 -2.01
CA ALA A 146 -0.76 -16.94 -2.30
C ALA A 146 -0.43 -15.47 -2.10
N VAL A 147 0.48 -15.18 -1.17
CA VAL A 147 0.82 -13.85 -0.69
C VAL A 147 1.99 -13.27 -1.45
N ALA A 148 2.93 -14.12 -1.84
CA ALA A 148 4.12 -13.65 -2.50
C ALA A 148 3.81 -12.80 -3.73
N LYS A 149 2.71 -13.09 -4.47
CA LYS A 149 2.48 -12.34 -5.70
C LYS A 149 2.11 -10.90 -5.39
N TYR A 150 1.41 -10.66 -4.27
CA TYR A 150 1.16 -9.28 -3.85
C TYR A 150 2.45 -8.58 -3.44
N ILE A 151 3.32 -9.23 -2.69
CA ILE A 151 4.56 -8.55 -2.29
C ILE A 151 5.46 -8.31 -3.51
N LEU A 152 5.56 -9.31 -4.41
CA LEU A 152 6.54 -9.20 -5.50
C LEU A 152 6.05 -8.27 -6.60
N LEU A 153 4.79 -8.41 -7.02
CA LEU A 153 4.31 -7.58 -8.11
C LEU A 153 3.69 -6.27 -7.62
N GLY A 154 3.11 -6.27 -6.43
CA GLY A 154 2.36 -5.09 -6.01
C GLY A 154 3.22 -4.21 -5.11
N TRP A 155 3.51 -4.69 -3.91
CA TRP A 155 4.26 -3.86 -2.96
C TRP A 155 5.60 -3.44 -3.56
N THR A 156 6.33 -4.38 -4.19
CA THR A 156 7.62 -4.03 -4.77
C THR A 156 7.47 -3.19 -6.07
N GLY A 157 6.30 -3.23 -6.72
CA GLY A 157 6.12 -2.34 -7.88
C GLY A 157 6.19 -0.87 -7.48
N PHE A 158 5.83 -0.55 -6.21
CA PHE A 158 5.79 0.87 -5.82
C PHE A 158 7.17 1.53 -5.83
N PRO A 159 8.20 0.98 -5.18
CA PRO A 159 9.51 1.67 -5.27
C PRO A 159 10.06 1.71 -6.68
N ILE A 160 9.70 0.74 -7.52
CA ILE A 160 10.09 0.83 -8.93
C ILE A 160 9.39 2.00 -9.62
N ALA A 161 8.05 2.06 -9.52
CA ALA A 161 7.31 3.18 -10.04
C ALA A 161 7.83 4.50 -9.45
N PHE A 162 8.04 4.53 -8.13
CA PHE A 162 8.59 5.72 -7.50
C PHE A 162 9.88 6.19 -8.20
N LEU A 163 10.85 5.28 -8.41
CA LEU A 163 12.12 5.71 -9.01
C LEU A 163 11.93 6.29 -10.41
N LEU A 164 10.98 5.74 -11.19
CA LEU A 164 10.73 6.24 -12.53
C LEU A 164 10.00 7.57 -12.51
N ALA A 165 9.09 7.72 -11.55
CA ALA A 165 8.19 8.85 -11.42
C ALA A 165 8.92 10.15 -11.04
N PRO A 166 8.23 11.29 -11.13
CA PRO A 166 8.77 12.55 -10.61
C PRO A 166 9.17 12.50 -9.16
N ASP A 167 8.65 11.53 -8.39
CA ASP A 167 9.11 11.32 -7.01
C ASP A 167 10.61 10.98 -6.97
N GLY A 168 11.11 10.33 -8.02
CA GLY A 168 12.47 9.82 -8.09
C GLY A 168 13.20 10.50 -9.24
N PHE A 169 13.51 9.77 -10.31
CA PHE A 169 14.25 10.38 -11.42
C PHE A 169 13.39 11.13 -12.41
N GLY A 170 12.07 10.97 -12.39
CA GLY A 170 11.24 11.65 -13.38
C GLY A 170 11.37 11.15 -14.83
N ILE A 171 11.73 9.88 -15.04
CA ILE A 171 11.76 9.31 -16.38
C ILE A 171 10.38 9.22 -16.99
N ILE A 172 9.33 9.01 -16.19
CA ILE A 172 7.98 9.06 -16.71
C ILE A 172 7.28 10.27 -16.08
N THR A 173 6.21 10.72 -16.73
CA THR A 173 5.48 11.90 -16.29
C THR A 173 4.65 11.64 -15.02
N THR A 174 4.19 12.74 -14.43
CA THR A 174 3.28 12.67 -13.30
C THR A 174 2.04 11.84 -13.62
N THR A 175 1.45 12.08 -14.78
CA THR A 175 0.22 11.42 -15.15
C THR A 175 0.43 9.93 -15.34
N THR A 176 1.50 9.55 -16.03
CA THR A 176 1.77 8.12 -16.22
C THR A 176 2.09 7.44 -14.89
N ALA A 177 2.86 8.10 -14.04
CA ALA A 177 3.09 7.58 -12.68
C ALA A 177 1.77 7.37 -11.92
N ALA A 178 0.86 8.34 -11.99
CA ALA A 178 -0.40 8.22 -11.27
C ALA A 178 -1.26 7.05 -11.77
N ILE A 179 -1.17 6.74 -13.07
CA ILE A 179 -1.95 5.63 -13.59
C ILE A 179 -1.37 4.33 -13.06
N LEU A 180 -0.04 4.26 -13.05
CA LEU A 180 0.69 3.14 -12.50
C LEU A 180 0.39 2.94 -11.00
N TYR A 181 0.47 4.02 -10.18
CA TYR A 181 0.08 3.89 -8.78
C TYR A 181 -1.37 3.43 -8.62
N LEU A 182 -2.28 3.90 -9.49
CA LEU A 182 -3.66 3.45 -9.34
C LEU A 182 -3.83 1.95 -9.68
N LEU A 183 -3.13 1.49 -10.72
CA LEU A 183 -3.14 0.07 -11.03
C LEU A 183 -2.59 -0.74 -9.85
N LEU A 184 -1.51 -0.24 -9.23
CA LEU A 184 -0.93 -0.97 -8.12
C LEU A 184 -1.86 -0.96 -6.92
N ASP A 185 -2.56 0.17 -6.71
CA ASP A 185 -3.54 0.26 -5.62
C ASP A 185 -4.67 -0.75 -5.80
N ILE A 186 -5.26 -0.81 -7.00
CA ILE A 186 -6.33 -1.79 -7.24
C ILE A 186 -5.83 -3.21 -6.98
N PHE A 187 -4.61 -3.51 -7.41
CA PHE A 187 -4.08 -4.85 -7.20
C PHE A 187 -3.88 -5.12 -5.70
N THR A 188 -3.18 -4.23 -4.98
CA THR A 188 -2.85 -4.56 -3.59
C THR A 188 -3.98 -4.34 -2.60
N LYS A 189 -5.02 -3.61 -2.98
CA LYS A 189 -6.08 -3.25 -2.03
C LYS A 189 -7.43 -3.83 -2.35
N VAL A 190 -7.65 -4.24 -3.60
CA VAL A 190 -8.98 -4.70 -4.02
C VAL A 190 -8.85 -6.14 -4.51
N ILE A 191 -8.02 -6.38 -5.52
CA ILE A 191 -7.86 -7.75 -6.00
C ILE A 191 -7.42 -8.66 -4.85
N PHE A 192 -6.51 -8.17 -4.03
CA PHE A 192 -6.04 -8.89 -2.84
C PHE A 192 -7.20 -9.50 -2.04
N TYR A 193 -8.24 -8.71 -1.77
CA TYR A 193 -9.33 -9.26 -0.98
C TYR A 193 -10.22 -10.19 -1.81
N PHE A 194 -10.52 -9.86 -3.06
CA PHE A 194 -11.30 -10.82 -3.85
C PHE A 194 -10.59 -12.16 -3.93
N ASP A 195 -9.29 -12.12 -4.16
CA ASP A 195 -8.50 -13.34 -4.18
C ASP A 195 -8.49 -14.05 -2.82
N LEU A 196 -8.15 -13.34 -1.73
CA LEU A 196 -7.71 -14.03 -0.50
C LEU A 196 -8.69 -13.95 0.67
N HIS A 197 -9.77 -13.17 0.57
CA HIS A 197 -10.70 -12.96 1.72
C HIS A 197 -11.14 -14.27 2.36
N ARG A 198 -11.69 -15.18 1.59
CA ARG A 198 -12.17 -16.44 2.18
C ARG A 198 -11.05 -17.24 2.82
N LYS A 199 -9.92 -17.43 2.12
CA LYS A 199 -8.81 -18.17 2.76
C LYS A 199 -8.31 -17.49 4.02
N MET A 200 -8.28 -16.16 4.06
CA MET A 200 -7.85 -15.48 5.29
C MET A 200 -8.85 -15.69 6.43
N GLU A 201 -10.16 -15.67 6.14
CA GLU A 201 -11.14 -15.88 7.19
C GLU A 201 -11.06 -17.30 7.72
N VAL A 202 -10.98 -18.29 6.82
CA VAL A 202 -10.79 -19.68 7.24
C VAL A 202 -9.52 -19.82 8.08
N ASN A 203 -8.45 -19.15 7.67
CA ASN A 203 -7.23 -19.22 8.48
C ASN A 203 -7.47 -18.64 9.87
N ALA A 204 -8.22 -17.55 9.94
CA ALA A 204 -8.45 -16.89 11.22
C ALA A 204 -9.27 -17.77 12.15
N GLN A 205 -10.21 -18.52 11.57
CA GLN A 205 -11.05 -19.45 12.34
C GLN A 205 -10.21 -20.59 12.88
N LYS A 206 -9.31 -21.14 12.07
CA LYS A 206 -8.47 -22.27 12.51
C LYS A 206 -7.57 -21.83 13.64
N VAL A 207 -7.01 -20.64 13.55
CA VAL A 207 -6.13 -20.17 14.61
C VAL A 207 -6.93 -19.96 15.90
N LEU A 208 -8.11 -19.39 15.80
CA LEU A 208 -8.98 -19.18 16.99
C LEU A 208 -9.26 -20.52 17.67
N ALA A 209 -9.63 -21.52 16.89
CA ALA A 209 -10.03 -22.84 17.39
C ALA A 209 -8.86 -23.64 17.96
N VAL A 210 -7.66 -23.46 17.45
CA VAL A 210 -6.52 -24.34 17.85
C VAL A 210 -5.42 -23.57 18.55
N SER A 211 -5.33 -23.70 19.85
CA SER A 211 -4.25 -23.05 20.62
C SER A 211 -2.88 -23.59 20.19
N GLY A 212 -1.85 -22.74 20.11
CA GLY A 212 -0.51 -23.21 19.78
C GLY A 212 -0.06 -22.84 18.37
C1 RET B . 8.31 3.86 -1.28
C2 RET B . 9.54 4.77 -1.19
C3 RET B . 10.83 4.18 -1.73
C4 RET B . 11.12 2.86 -1.04
C5 RET B . 9.94 1.94 -0.98
C6 RET B . 8.67 2.39 -1.01
C7 RET B . 7.58 1.45 -0.85
C8 RET B . 6.24 1.54 -1.03
C9 RET B . 5.26 0.48 -0.84
C10 RET B . 3.94 0.78 -0.97
C11 RET B . 2.82 -0.11 -0.83
C12 RET B . 1.51 0.24 -1.04
C13 RET B . 0.38 -0.65 -0.93
C14 RET B . -0.86 -0.21 -1.22
C15 RET B . -1.25 1.10 -1.68
C16 RET B . 7.33 4.41 -0.24
C17 RET B . 7.70 4.02 -2.69
C18 RET B . 10.34 0.55 -0.58
C19 RET B . 5.76 -0.90 -0.54
C20 RET B . 0.63 -2.06 -0.48
P 3PE C . 2.77 10.86 -21.34
O11 3PE C . 1.20 10.26 -21.69
O12 3PE C . 3.12 10.42 -19.97
O13 3PE C . 2.04 12.51 -21.18
O14 3PE C . 3.56 10.92 -22.60
C1 3PE C . 0.17 10.34 -20.76
C2 3PE C . -0.92 9.17 -21.01
C3 3PE C . -1.98 9.66 -21.90
O31 3PE C . -3.24 9.20 -21.38
O32 3PE C . -3.01 10.62 -19.71
C31 3PE C . -3.76 9.92 -20.35
C32 3PE C . -5.27 9.71 -20.20
C33 3PE C . -5.73 9.90 -18.78
C34 3PE C . -6.94 9.02 -18.47
C35 3PE C . -6.59 7.94 -17.45
C36 3PE C . -7.80 7.13 -16.93
C37 3PE C . -7.25 6.01 -16.05
C38 3PE C . -8.31 5.05 -15.47
C39 3PE C . -7.61 3.77 -14.95
C3A 3PE C . -8.55 2.57 -14.70
O21 3PE C . -0.36 7.91 -21.59
O22 3PE C . -1.89 6.41 -20.68
C21 3PE C . -0.75 6.75 -20.95
C22 3PE C . 0.31 5.91 -20.54
C23 3PE C . -0.08 5.43 -19.23
C24 3PE C . -0.44 4.00 -19.30
C25 3PE C . 0.47 3.30 -18.30
C26 3PE C . -0.08 1.90 -17.91
C27 3PE C . 1.14 1.08 -17.37
C28 3PE C . 0.79 -0.40 -17.21
C29 3PE C . 2.05 -1.18 -16.96
C2A 3PE C . 1.82 -2.70 -16.68
C2B 3PE C . 3.17 -3.19 -16.08
C2C 3PE C . 3.21 -4.67 -15.66
C1 D12 D . -4.69 12.16 -24.95
C2 D12 D . -4.58 10.96 -25.89
C3 D12 D . -5.41 9.82 -25.34
C4 D12 D . -4.64 9.14 -24.24
C5 D12 D . -5.10 7.68 -24.30
C6 D12 D . -4.38 6.92 -23.23
C7 D12 D . -5.32 6.77 -22.07
C8 D12 D . -5.52 5.28 -21.75
C9 D12 D . -5.04 5.08 -20.31
C10 D12 D . -5.67 3.81 -19.73
C11 D12 D . -4.83 3.33 -18.58
C12 D12 D . -5.50 2.07 -18.04
P 3PE E . -4.68 24.25 0.63
O11 3PE E . -4.35 22.79 1.57
O12 3PE E . -5.12 25.31 1.58
O13 3PE E . -6.17 23.70 0.02
O14 3PE E . -3.82 24.18 -0.59
C1 3PE E . -3.11 22.63 2.26
C2 3PE E . -3.28 21.56 3.40
C3 3PE E . -1.93 21.08 3.98
O31 3PE E . -1.78 19.67 3.60
O32 3PE E . -3.88 18.74 4.09
C31 3PE E . -2.65 18.70 4.19
C32 3PE E . -1.84 17.62 4.90
C33 3PE E . -2.64 16.35 5.08
C34 3PE E . -1.72 15.23 5.61
C35 3PE E . -2.52 14.06 6.13
C36 3PE E . -1.69 12.81 6.50
C37 3PE E . -2.25 12.18 7.80
C38 3PE E . -2.23 10.62 7.86
C39 3PE E . -0.86 10.11 8.30
C3A 3PE E . -0.91 9.04 9.44
C3B 3PE E . 0.23 7.97 9.28
C3C 3PE E . 1.37 8.51 8.43
C3D 3PE E . 2.66 7.87 8.89
C3E 3PE E . 3.49 7.34 7.73
O21 3PE E . -4.09 22.11 4.45
O22 3PE E . -3.87 21.19 6.52
C21 3PE E . -4.52 21.36 5.47
C22 3PE E . -5.88 20.78 5.27
C23 3PE E . -6.65 20.80 6.60
C24 3PE E . -6.42 19.50 7.32
C25 3PE E . -6.98 18.26 6.56
C26 3PE E . -6.66 16.99 7.38
C27 3PE E . -7.16 15.70 6.76
C28 3PE E . -6.85 14.57 7.75
C29 3PE E . -7.52 13.29 7.34
C2A 3PE E . -7.25 12.25 8.31
C2B 3PE E . -8.11 11.08 7.98
C2C 3PE E . -7.83 9.88 8.88
C2D 3PE E . -7.80 8.61 8.02
C2E 3PE E . -8.32 7.44 8.79
C1 D12 F . 2.92 4.59 14.30
C2 D12 F . 3.26 3.08 14.38
C3 D12 F . 2.16 2.38 15.18
C4 D12 F . 2.07 0.92 14.72
C5 D12 F . 1.05 0.22 15.64
C6 D12 F . 0.83 -1.17 15.10
C7 D12 F . -0.26 -1.76 15.96
C8 D12 F . -0.43 -3.24 15.63
C9 D12 F . -1.81 -3.73 16.09
C10 D12 F . -1.76 -5.29 16.33
C11 D12 F . -3.19 -5.84 16.60
C12 D12 F . -3.16 -7.41 16.79
C1 D12 G . -0.61 4.02 11.77
C2 D12 G . -1.68 3.41 12.74
C3 D12 G . -1.81 1.89 12.65
C4 D12 G . -3.18 1.48 13.29
C5 D12 G . -3.39 -0.01 13.08
C6 D12 G . -4.49 -0.44 14.04
C7 D12 G . -4.40 -1.95 14.18
C8 D12 G . -5.64 -2.62 13.65
C9 D12 G . -5.67 -3.98 14.33
C10 D12 G . -6.96 -4.69 13.90
C11 D12 G . -7.24 -5.80 14.92
C12 D12 G . -8.59 -6.43 14.68
#